data_1ZZJ
#
_entry.id   1ZZJ
#
_cell.length_a   54.008
_cell.length_b   54.008
_cell.length_c   149.656
_cell.angle_alpha   90.00
_cell.angle_beta   90.00
_cell.angle_gamma   120.00
#
_symmetry.space_group_name_H-M   'P 31 2 1'
#
loop_
_entity.id
_entity.type
_entity.pdbx_description
1 polymer "5'-D(*TP*TP*CP*CP*CP*CP*TP*CP*CP*CP*CP*AP*TP*TP*T)-3'"
2 polymer 'Heterogeneous nuclear ribonucleoprotein K'
3 water water
#
loop_
_entity_poly.entity_id
_entity_poly.type
_entity_poly.pdbx_seq_one_letter_code
_entity_poly.pdbx_strand_id
1 'polydeoxyribonucleotide' (DT)(DT)(DC)(DC)(DC)(DC)(DT)(DC)(DC)(DC)(DC)(DA)(DT)(DT)(DT) D
2 'polypeptide(L)'
;GAMGPIITTQVTIPKDLAGSIIGKGGQRIKQIRHESGASIKIDEPLEGSEDRIITITGTQDQIQNAQYLLQNSVKQYSGK
FF
;
A,B,C
#
# COMPACT_ATOMS: atom_id res chain seq x y z
N ALA B 2 -12.75 -15.05 3.72
CA ALA B 2 -13.09 -14.26 2.46
C ALA B 2 -12.45 -12.87 2.33
N MET B 3 -11.22 -12.89 1.80
CA MET B 3 -10.52 -11.66 1.44
C MET B 3 -11.02 -10.75 0.28
N GLY B 4 -11.59 -11.24 -0.82
CA GLY B 4 -12.23 -10.37 -1.84
C GLY B 4 -11.14 -9.76 -2.71
N PRO B 5 -11.52 -8.89 -3.63
CA PRO B 5 -10.56 -8.23 -4.52
C PRO B 5 -9.63 -7.18 -3.85
N ILE B 6 -8.48 -6.99 -4.46
CA ILE B 6 -7.53 -6.01 -4.08
C ILE B 6 -7.97 -4.76 -4.82
N ILE B 7 -8.19 -3.68 -4.11
CA ILE B 7 -8.67 -2.47 -4.68
C ILE B 7 -7.75 -1.37 -4.16
N THR B 8 -7.85 -0.18 -4.73
CA THR B 8 -7.00 0.97 -4.40
C THR B 8 -7.89 2.12 -3.99
N THR B 9 -7.61 2.72 -2.86
CA THR B 9 -8.21 3.99 -2.55
C THR B 9 -7.17 5.09 -2.29
N GLN B 10 -7.51 6.29 -2.74
CA GLN B 10 -6.68 7.47 -2.43
C GLN B 10 -7.33 8.45 -1.49
N VAL B 11 -6.58 9.06 -0.60
CA VAL B 11 -7.09 10.21 0.12
C VAL B 11 -5.95 11.22 0.17
N THR B 12 -6.26 12.47 0.55
CA THR B 12 -5.18 13.41 0.81
C THR B 12 -5.06 13.75 2.30
N ILE B 13 -3.88 14.20 2.67
CA ILE B 13 -3.63 14.85 3.96
C ILE B 13 -2.91 16.18 3.73
N PRO B 14 -3.16 17.14 4.65
CA PRO B 14 -2.40 18.34 4.68
C PRO B 14 -0.97 17.90 4.82
N LYS B 15 -0.11 18.56 4.06
CA LYS B 15 1.30 18.31 4.03
C LYS B 15 1.98 18.50 5.41
N ASP B 16 1.46 19.45 6.20
CA ASP B 16 1.98 19.65 7.58
C ASP B 16 1.63 18.49 8.55
N LEU B 17 0.72 17.59 8.16
CA LEU B 17 0.40 16.37 8.92
C LEU B 17 1.16 15.08 8.50
N ALA B 18 1.97 15.17 7.45
CA ALA B 18 2.51 13.94 6.87
C ALA B 18 3.56 13.29 7.76
N GLY B 19 4.28 14.12 8.52
CA GLY B 19 5.28 13.68 9.49
C GLY B 19 4.76 12.74 10.56
N SER B 20 3.57 13.01 11.07
CA SER B 20 2.90 12.15 12.07
C SER B 20 2.64 10.79 11.47
N ILE B 21 2.37 10.77 10.18
CA ILE B 21 2.05 9.51 9.58
C ILE B 21 3.28 8.71 9.24
N ILE B 22 4.29 9.41 8.73
CA ILE B 22 5.51 8.76 8.31
C ILE B 22 6.34 8.35 9.53
N GLY B 23 6.60 9.27 10.47
CA GLY B 23 7.41 8.94 11.66
C GLY B 23 8.89 9.09 11.34
N LYS B 24 9.70 9.31 12.35
CA LYS B 24 11.16 9.39 12.23
C LYS B 24 11.75 8.17 11.49
N GLY B 25 12.52 8.38 10.43
CA GLY B 25 13.08 7.26 9.69
C GLY B 25 11.99 6.33 9.19
N GLY B 26 10.79 6.89 9.03
CA GLY B 26 9.65 6.22 8.44
C GLY B 26 9.08 5.11 9.25
N GLN B 27 9.39 5.05 10.55
CA GLN B 27 8.94 3.88 11.32
C GLN B 27 7.44 3.79 11.50
N ARG B 28 6.74 4.91 11.64
CA ARG B 28 5.32 4.79 11.90
C ARG B 28 4.59 4.17 10.70
N ILE B 29 4.82 4.71 9.50
CA ILE B 29 4.22 4.19 8.23
C ILE B 29 4.55 2.70 7.98
N LYS B 30 5.81 2.30 8.21
CA LYS B 30 6.21 0.88 8.17
C LYS B 30 5.31 -0.03 9.04
N GLN B 31 5.03 0.47 10.24
CA GLN B 31 4.17 -0.18 11.21
C GLN B 31 2.75 -0.27 10.67
N ILE B 32 2.27 0.81 10.06
CA ILE B 32 0.91 0.83 9.50
C ILE B 32 0.78 -0.18 8.36
N ARG B 33 1.71 -0.19 7.40
CA ARG B 33 1.71 -1.25 6.36
C ARG B 33 1.73 -2.72 6.91
N HIS B 34 2.48 -2.96 7.98
CA HIS B 34 2.76 -4.32 8.43
C HIS B 34 1.48 -4.88 9.08
N GLU B 35 0.84 -3.95 9.76
CA GLU B 35 -0.20 -4.21 10.69
C GLU B 35 -1.53 -4.34 9.97
N SER B 36 -1.82 -3.39 9.08
CA SER B 36 -3.00 -3.48 8.24
C SER B 36 -2.87 -4.52 7.13
N GLY B 37 -1.62 -4.75 6.67
CA GLY B 37 -1.32 -5.61 5.55
C GLY B 37 -1.62 -4.89 4.24
N ALA B 38 -2.06 -3.64 4.28
CA ALA B 38 -2.20 -2.83 3.04
C ALA B 38 -0.87 -2.23 2.48
N SER B 39 -0.79 -2.02 1.16
CA SER B 39 0.28 -1.19 0.63
C SER B 39 -0.17 0.24 0.80
N ILE B 40 0.77 1.04 1.26
CA ILE B 40 0.51 2.42 1.59
C ILE B 40 1.64 3.25 1.03
N LYS B 41 1.26 4.12 0.10
CA LYS B 41 2.21 5.00 -0.54
C LYS B 41 1.86 6.48 -0.28
N ILE B 42 2.79 7.28 0.23
CA ILE B 42 2.53 8.72 0.35
C ILE B 42 3.38 9.40 -0.64
N ASP B 43 2.75 10.15 -1.53
CA ASP B 43 3.43 10.85 -2.60
C ASP B 43 4.25 12.00 -2.03
N GLU B 44 5.22 12.44 -2.82
CA GLU B 44 5.88 13.71 -2.53
C GLU B 44 4.87 14.90 -2.65
N PRO B 45 5.11 16.02 -1.94
CA PRO B 45 4.49 17.35 -1.74
C PRO B 45 3.19 18.04 -2.40
N LEU B 46 2.67 17.76 -3.61
CA LEU B 46 3.19 18.06 -4.95
C LEU B 46 3.53 19.51 -5.15
N GLU B 47 3.59 19.85 -6.44
CA GLU B 47 4.11 21.12 -6.91
C GLU B 47 3.04 22.24 -6.74
N GLY B 48 3.36 23.25 -5.89
CA GLY B 48 2.44 24.35 -5.54
C GLY B 48 1.67 24.24 -4.23
N SER B 49 1.16 23.05 -3.93
CA SER B 49 0.04 22.89 -2.97
C SER B 49 0.29 22.20 -1.63
N GLU B 50 -0.69 22.38 -0.74
CA GLU B 50 -0.61 21.89 0.62
C GLU B 50 -1.21 20.47 0.81
N ASP B 51 -1.62 19.79 -0.26
CA ASP B 51 -2.18 18.45 -0.10
C ASP B 51 -1.16 17.44 -0.52
N ARG B 52 -1.22 16.27 0.11
CA ARG B 52 -0.34 15.20 -0.23
C ARG B 52 -1.23 13.97 -0.37
N ILE B 53 -1.07 13.23 -1.47
CA ILE B 53 -1.90 12.06 -1.76
C ILE B 53 -1.32 10.83 -1.11
N ILE B 54 -2.20 10.10 -0.42
CA ILE B 54 -1.93 8.76 0.10
C ILE B 54 -2.72 7.73 -0.73
N THR B 55 -2.03 6.72 -1.25
CA THR B 55 -2.64 5.63 -1.97
C THR B 55 -2.64 4.38 -1.11
N ILE B 56 -3.84 3.80 -0.90
CA ILE B 56 -3.94 2.57 -0.10
C ILE B 56 -4.44 1.39 -0.95
N THR B 57 -3.69 0.29 -0.99
CA THR B 57 -4.06 -0.84 -1.84
C THR B 57 -4.13 -2.13 -1.04
N GLY B 58 -5.27 -2.82 -1.10
CA GLY B 58 -5.41 -4.12 -0.37
C GLY B 58 -6.81 -4.58 -0.50
N THR B 59 -7.21 -5.57 0.30
CA THR B 59 -8.60 -5.90 0.43
C THR B 59 -9.31 -4.78 1.15
N GLN B 60 -10.62 -4.82 1.06
CA GLN B 60 -11.43 -3.83 1.72
C GLN B 60 -11.11 -3.72 3.25
N ASP B 61 -10.93 -4.89 3.92
CA ASP B 61 -10.58 -4.93 5.35
C ASP B 61 -9.20 -4.34 5.63
N GLN B 62 -8.23 -4.61 4.75
CA GLN B 62 -6.89 -4.08 4.88
C GLN B 62 -6.93 -2.59 4.78
N ILE B 63 -7.71 -2.11 3.81
CA ILE B 63 -7.80 -0.68 3.59
C ILE B 63 -8.51 0.08 4.75
N GLN B 64 -9.62 -0.48 5.21
CA GLN B 64 -10.26 0.00 6.41
C GLN B 64 -9.33 -0.06 7.69
N ASN B 65 -8.72 -1.22 7.95
CA ASN B 65 -7.66 -1.35 8.95
C ASN B 65 -6.64 -0.17 8.76
N ALA B 66 -6.06 0.00 7.56
CA ALA B 66 -5.09 1.09 7.28
C ALA B 66 -5.63 2.49 7.61
N GLN B 67 -6.90 2.74 7.30
CA GLN B 67 -7.49 4.05 7.51
C GLN B 67 -7.68 4.36 8.98
N TYR B 68 -7.98 3.36 9.79
CA TYR B 68 -7.94 3.57 11.20
C TYR B 68 -6.53 3.87 11.67
N LEU B 69 -5.56 3.08 11.25
CA LEU B 69 -4.25 3.23 11.82
C LEU B 69 -3.73 4.61 11.41
N LEU B 70 -4.01 5.04 10.17
CA LEU B 70 -3.66 6.39 9.72
C LEU B 70 -4.24 7.44 10.63
N GLN B 71 -5.48 7.24 11.06
CA GLN B 71 -6.15 8.28 11.85
C GLN B 71 -5.57 8.33 13.26
N ASN B 72 -5.31 7.14 13.82
CA ASN B 72 -4.66 6.96 15.12
C ASN B 72 -3.28 7.60 15.19
N SER B 73 -2.55 7.62 14.07
CA SER B 73 -1.26 8.34 13.96
C SER B 73 -1.40 9.86 14.15
N VAL B 74 -2.44 10.41 13.54
CA VAL B 74 -2.62 11.84 13.55
C VAL B 74 -3.22 12.21 14.87
N LYS B 75 -4.36 11.62 15.23
CA LYS B 75 -5.05 12.04 16.45
C LYS B 75 -4.07 12.05 17.62
N GLN B 76 -3.35 10.93 17.83
CA GLN B 76 -2.51 10.78 19.02
C GLN B 76 -1.07 10.42 18.72
N ALA C 2 33.99 -30.09 8.14
CA ALA C 2 34.19 -29.26 9.35
C ALA C 2 33.39 -28.00 9.26
N MET C 3 32.54 -27.78 10.26
CA MET C 3 31.76 -26.53 10.35
C MET C 3 32.56 -25.32 10.77
N GLY C 4 33.48 -25.52 11.72
CA GLY C 4 34.19 -24.42 12.35
C GLY C 4 33.31 -23.56 13.26
N PRO C 5 33.81 -22.39 13.72
CA PRO C 5 33.05 -21.52 14.61
C PRO C 5 31.92 -20.74 13.92
N ILE C 6 30.96 -20.28 14.72
CA ILE C 6 29.99 -19.32 14.29
C ILE C 6 30.71 -17.95 14.28
N ILE C 7 30.66 -17.24 13.17
CA ILE C 7 31.20 -15.89 13.09
C ILE C 7 30.10 -14.95 12.57
N THR C 8 30.34 -13.65 12.69
CA THR C 8 29.40 -12.65 12.29
C THR C 8 30.08 -11.77 11.27
N THR C 9 29.41 -11.57 10.15
CA THR C 9 29.85 -10.60 9.23
C THR C 9 28.73 -9.57 8.93
N GLN C 10 29.15 -8.32 8.67
CA GLN C 10 28.26 -7.26 8.28
C GLN C 10 28.63 -6.72 6.94
N VAL C 11 27.59 -6.33 6.18
CA VAL C 11 27.78 -5.48 5.01
C VAL C 11 26.64 -4.46 4.93
N THR C 12 26.84 -3.35 4.20
CA THR C 12 25.74 -2.42 3.92
C THR C 12 25.19 -2.59 2.50
N ILE C 13 23.97 -2.11 2.30
CA ILE C 13 23.23 -2.26 1.09
C ILE C 13 22.50 -0.94 0.86
N PRO C 14 22.55 -0.40 -0.38
CA PRO C 14 21.80 0.82 -0.63
C PRO C 14 20.34 0.61 -0.26
N LYS C 15 19.78 1.53 0.50
CA LYS C 15 18.43 1.29 1.00
C LYS C 15 17.44 1.06 -0.12
N ASP C 16 17.65 1.69 -1.27
CA ASP C 16 16.80 1.48 -2.45
C ASP C 16 16.65 0.01 -2.80
N LEU C 17 17.71 -0.75 -2.54
CA LEU C 17 17.77 -2.15 -2.92
C LEU C 17 17.30 -3.17 -1.84
N ALA C 18 16.97 -2.68 -0.66
CA ALA C 18 16.65 -3.58 0.44
C ALA C 18 15.34 -4.42 0.20
N GLY C 19 14.38 -3.87 -0.58
CA GLY C 19 13.13 -4.53 -0.87
C GLY C 19 13.34 -5.80 -1.68
N SER C 20 14.42 -5.83 -2.45
CA SER C 20 14.77 -7.02 -3.27
C SER C 20 15.21 -8.18 -2.39
N ILE C 21 15.96 -7.88 -1.37
CA ILE C 21 16.44 -8.94 -0.49
C ILE C 21 15.31 -9.43 0.41
N ILE C 22 14.45 -8.51 0.84
CA ILE C 22 13.37 -8.89 1.73
C ILE C 22 12.19 -9.56 0.99
N GLY C 23 11.71 -8.93 -0.10
CA GLY C 23 10.63 -9.48 -0.93
C GLY C 23 9.25 -9.19 -0.34
N LYS C 24 8.23 -9.26 -1.20
CA LYS C 24 6.83 -9.05 -0.78
C LYS C 24 6.56 -9.97 0.43
N GLY C 25 5.92 -9.39 1.48
CA GLY C 25 5.70 -10.10 2.75
C GLY C 25 6.93 -10.77 3.41
N GLY C 26 8.13 -10.32 3.03
CA GLY C 26 9.36 -10.85 3.64
C GLY C 26 9.75 -12.28 3.23
N GLN C 27 9.02 -12.83 2.24
CA GLN C 27 9.24 -14.24 1.81
C GLN C 27 10.70 -14.55 1.46
N ARG C 28 11.34 -13.58 0.77
CA ARG C 28 12.61 -13.85 0.14
C ARG C 28 13.72 -13.90 1.20
N ILE C 29 13.76 -12.93 2.12
CA ILE C 29 14.67 -13.10 3.23
C ILE C 29 14.44 -14.38 4.08
N LYS C 30 13.18 -14.68 4.43
CA LYS C 30 12.85 -15.91 5.18
C LYS C 30 13.40 -17.16 4.49
N GLN C 31 13.36 -17.15 3.16
CA GLN C 31 13.90 -18.23 2.33
C GLN C 31 15.42 -18.24 2.40
N ILE C 32 16.02 -17.06 2.44
CA ILE C 32 17.47 -16.98 2.48
C ILE C 32 17.97 -17.55 3.80
N ARG C 33 17.27 -17.29 4.89
CA ARG C 33 17.65 -17.74 6.24
C ARG C 33 17.59 -19.29 6.37
N HIS C 34 16.55 -19.86 5.77
CA HIS C 34 16.29 -21.27 5.91
C HIS C 34 17.22 -22.08 4.99
N GLU C 35 17.37 -21.60 3.75
CA GLU C 35 18.28 -22.21 2.76
C GLU C 35 19.76 -22.15 3.16
N SER C 36 20.25 -20.99 3.58
CA SER C 36 21.67 -20.89 3.97
C SER C 36 21.94 -21.47 5.36
N GLY C 37 20.93 -21.41 6.22
CA GLY C 37 21.12 -21.68 7.66
C GLY C 37 21.73 -20.53 8.48
N ALA C 38 22.05 -19.43 7.82
CA ALA C 38 22.63 -18.28 8.55
C ALA C 38 21.55 -17.41 9.20
N SER C 39 21.89 -16.74 10.29
CA SER C 39 21.00 -15.70 10.84
C SER C 39 21.29 -14.49 10.04
N ILE C 40 20.24 -13.85 9.56
CA ILE C 40 20.37 -12.68 8.78
C ILE C 40 19.49 -11.58 9.36
N LYS C 41 20.14 -10.48 9.78
CA LYS C 41 19.43 -9.30 10.24
C LYS C 41 19.60 -8.10 9.30
N ILE C 42 18.52 -7.39 8.98
CA ILE C 42 18.60 -6.16 8.18
C ILE C 42 18.10 -5.06 9.05
N ASP C 43 18.98 -4.16 9.41
CA ASP C 43 18.65 -3.08 10.27
C ASP C 43 17.74 -2.12 9.50
N GLU C 44 17.07 -1.25 10.23
CA GLU C 44 16.46 -0.08 9.65
C GLU C 44 17.59 0.85 9.10
N PRO C 45 17.28 1.68 8.08
CA PRO C 45 18.31 2.57 7.52
C PRO C 45 18.72 3.54 8.58
N LEU C 46 19.99 3.91 8.60
CA LEU C 46 20.47 4.83 9.64
C LEU C 46 20.02 6.26 9.45
N GLU C 47 20.27 7.07 10.48
CA GLU C 47 19.82 8.46 10.58
C GLU C 47 20.16 9.28 9.34
N GLY C 48 19.13 9.57 8.53
CA GLY C 48 19.20 10.34 7.27
C GLY C 48 20.17 9.83 6.21
N SER C 49 20.31 8.53 6.13
CA SER C 49 21.34 7.95 5.29
C SER C 49 20.80 6.86 4.29
N GLU C 50 21.64 6.40 3.37
CA GLU C 50 21.19 5.56 2.26
C GLU C 50 21.77 4.18 2.41
N ASP C 51 22.49 3.95 3.49
CA ASP C 51 23.04 2.66 3.78
C ASP C 51 22.16 1.90 4.82
N ARG C 52 22.00 0.60 4.60
CA ARG C 52 21.31 -0.26 5.57
C ARG C 52 22.29 -1.36 5.83
N ILE C 53 22.50 -1.68 7.10
CA ILE C 53 23.45 -2.70 7.54
C ILE C 53 22.73 -4.03 7.56
N ILE C 54 23.34 -5.04 6.92
CA ILE C 54 22.96 -6.44 7.03
C ILE C 54 23.98 -7.22 7.86
N THR C 55 23.49 -7.95 8.87
CA THR C 55 24.34 -8.75 9.74
C THR C 55 24.04 -10.21 9.43
N ILE C 56 25.08 -10.97 9.11
CA ILE C 56 25.02 -12.40 8.81
C ILE C 56 25.84 -13.20 9.81
N THR C 57 25.21 -14.19 10.43
CA THR C 57 25.79 -14.94 11.47
C THR C 57 25.64 -16.40 11.18
N GLY C 58 26.75 -17.14 11.22
CA GLY C 58 26.74 -18.60 10.97
C GLY C 58 28.17 -19.14 10.85
N THR C 59 28.29 -20.39 10.45
CA THR C 59 29.59 -20.91 10.07
C THR C 59 29.99 -20.18 8.78
N GLN C 60 31.25 -20.32 8.39
CA GLN C 60 31.76 -19.67 7.22
C GLN C 60 31.03 -20.08 5.95
N ASP C 61 30.79 -21.39 5.81
CA ASP C 61 29.94 -21.91 4.75
C ASP C 61 28.51 -21.31 4.72
N GLN C 62 27.88 -21.22 5.88
CA GLN C 62 26.51 -20.66 5.92
C GLN C 62 26.56 -19.23 5.46
N ILE C 63 27.59 -18.51 5.88
CA ILE C 63 27.71 -17.10 5.56
C ILE C 63 28.06 -16.89 4.12
N GLN C 64 28.94 -17.71 3.57
CA GLN C 64 29.15 -17.69 2.15
C GLN C 64 27.87 -18.09 1.33
N ASN C 65 27.17 -19.15 1.77
CA ASN C 65 25.84 -19.51 1.21
C ASN C 65 24.92 -18.26 1.20
N ALA C 66 24.72 -17.66 2.38
CA ALA C 66 23.89 -16.46 2.54
C ALA C 66 24.31 -15.29 1.66
N GLN C 67 25.60 -15.09 1.47
CA GLN C 67 26.04 -14.00 0.60
C GLN C 67 25.71 -14.21 -0.85
N TYR C 68 25.77 -15.46 -1.31
CA TYR C 68 25.31 -15.71 -2.63
C TYR C 68 23.80 -15.50 -2.76
N LEU C 69 23.03 -16.06 -1.84
CA LEU C 69 21.57 -15.92 -1.91
C LEU C 69 21.17 -14.44 -1.88
N LEU C 70 21.86 -13.64 -1.03
CA LEU C 70 21.64 -12.19 -1.01
C LEU C 70 21.98 -11.53 -2.33
N GLN C 71 23.04 -11.99 -3.00
CA GLN C 71 23.41 -11.48 -4.33
C GLN C 71 22.36 -11.79 -5.38
N ASN C 72 21.90 -13.04 -5.39
CA ASN C 72 20.92 -13.54 -6.37
C ASN C 72 19.58 -12.83 -6.25
N SER C 73 19.24 -12.40 -5.04
CA SER C 73 18.08 -11.56 -4.75
C SER C 73 18.12 -10.21 -5.49
N VAL C 74 19.28 -9.56 -5.48
CA VAL C 74 19.47 -8.27 -6.12
C VAL C 74 19.68 -8.45 -7.60
N GLY D 1 -14.82 25.28 -1.02
CA GLY D 1 -13.81 26.38 -0.91
C GLY D 1 -12.38 25.85 -0.98
N ALA D 2 -12.03 25.27 -2.13
CA ALA D 2 -10.73 24.63 -2.38
C ALA D 2 -11.02 23.23 -2.86
N MET D 3 -10.69 22.89 -4.10
CA MET D 3 -11.04 21.51 -4.63
C MET D 3 -9.95 20.45 -4.38
N GLY D 4 -8.70 20.82 -4.58
CA GLY D 4 -7.60 19.94 -4.33
C GLY D 4 -7.37 19.05 -5.50
N PRO D 5 -6.57 18.00 -5.32
CA PRO D 5 -6.23 16.98 -6.34
C PRO D 5 -7.39 16.10 -6.82
N ILE D 6 -7.26 15.62 -8.05
CA ILE D 6 -8.08 14.56 -8.60
C ILE D 6 -7.44 13.32 -8.07
N ILE D 7 -8.27 12.52 -7.42
CA ILE D 7 -7.85 11.28 -6.77
C ILE D 7 -8.80 10.17 -7.24
N THR D 8 -8.41 8.93 -6.96
CA THR D 8 -9.16 7.78 -7.44
C THR D 8 -9.54 6.90 -6.26
N THR D 9 -10.81 6.50 -6.22
CA THR D 9 -11.23 5.57 -5.20
C THR D 9 -12.00 4.37 -5.79
N GLN D 10 -11.75 3.19 -5.25
CA GLN D 10 -12.47 2.04 -5.72
C GLN D 10 -13.33 1.47 -4.61
N VAL D 11 -14.48 0.97 -4.97
CA VAL D 11 -15.29 0.18 -4.03
C VAL D 11 -15.92 -0.98 -4.82
N THR D 12 -16.23 -2.09 -4.16
CA THR D 12 -16.91 -3.19 -4.82
C THR D 12 -18.41 -3.17 -4.55
N ILE D 13 -19.19 -3.75 -5.44
CA ILE D 13 -20.59 -4.02 -5.17
C ILE D 13 -20.92 -5.43 -5.60
N PRO D 14 -21.86 -6.06 -4.89
CA PRO D 14 -22.41 -7.31 -5.34
C PRO D 14 -22.92 -7.14 -6.75
N LYS D 15 -22.58 -8.09 -7.61
CA LYS D 15 -22.94 -8.01 -9.01
C LYS D 15 -24.45 -7.89 -9.18
N ASP D 16 -25.22 -8.62 -8.36
CA ASP D 16 -26.67 -8.62 -8.46
C ASP D 16 -27.22 -7.18 -8.28
N LEU D 17 -26.43 -6.29 -7.69
CA LEU D 17 -26.80 -4.90 -7.45
C LEU D 17 -26.41 -3.88 -8.53
N ALA D 18 -25.65 -4.29 -9.55
CA ALA D 18 -25.05 -3.33 -10.48
C ALA D 18 -26.09 -2.67 -11.42
N GLY D 19 -27.16 -3.43 -11.67
CA GLY D 19 -28.29 -2.95 -12.47
C GLY D 19 -28.90 -1.68 -11.91
N SER D 20 -28.96 -1.60 -10.59
CA SER D 20 -29.48 -0.42 -9.92
C SER D 20 -28.60 0.80 -10.14
N ILE D 21 -27.28 0.63 -10.12
CA ILE D 21 -26.41 1.78 -10.40
C ILE D 21 -26.50 2.29 -11.87
N ILE D 22 -26.72 1.37 -12.79
CA ILE D 22 -26.54 1.63 -14.22
C ILE D 22 -27.79 2.27 -14.76
N GLY D 23 -28.92 1.60 -14.55
CA GLY D 23 -30.21 2.04 -15.03
C GLY D 23 -30.46 1.32 -16.34
N LYS D 24 -31.70 1.39 -16.83
CA LYS D 24 -31.99 0.95 -18.20
C LYS D 24 -31.20 1.87 -19.12
N GLY D 25 -30.63 1.30 -20.19
CA GLY D 25 -29.80 2.06 -21.15
C GLY D 25 -28.66 2.87 -20.56
N GLY D 26 -28.13 2.44 -19.41
CA GLY D 26 -27.03 3.13 -18.75
C GLY D 26 -27.32 4.56 -18.32
N GLN D 27 -28.60 4.88 -18.11
CA GLN D 27 -29.02 6.26 -17.80
C GLN D 27 -28.78 6.70 -16.34
N ARG D 28 -29.03 5.85 -15.34
CA ARG D 28 -28.70 6.26 -13.96
C ARG D 28 -27.23 6.58 -13.77
N ILE D 29 -26.33 5.71 -14.25
CA ILE D 29 -24.90 6.02 -14.10
C ILE D 29 -24.48 7.28 -14.88
N LYS D 30 -24.96 7.44 -16.12
CA LYS D 30 -24.71 8.65 -16.92
C LYS D 30 -25.09 9.91 -16.11
N GLN D 31 -26.24 9.80 -15.43
CA GLN D 31 -26.76 10.86 -14.58
C GLN D 31 -25.85 11.04 -13.39
N ILE D 32 -25.32 9.95 -12.85
CA ILE D 32 -24.45 10.04 -11.67
C ILE D 32 -23.13 10.77 -11.99
N ARG D 33 -22.54 10.47 -13.15
CA ARG D 33 -21.28 11.12 -13.63
C ARG D 33 -21.45 12.62 -13.92
N HIS D 34 -22.58 13.00 -14.51
CA HIS D 34 -22.82 14.39 -14.86
C HIS D 34 -23.14 15.23 -13.62
N GLU D 35 -24.01 14.69 -12.76
CA GLU D 35 -24.35 15.23 -11.46
C GLU D 35 -23.15 15.47 -10.55
N SER D 36 -22.36 14.42 -10.28
CA SER D 36 -21.26 14.55 -9.33
C SER D 36 -20.02 15.22 -9.95
N GLY D 37 -19.90 15.14 -11.26
CA GLY D 37 -18.69 15.52 -11.93
C GLY D 37 -17.55 14.53 -11.80
N ALA D 38 -17.75 13.44 -11.04
CA ALA D 38 -16.77 12.33 -11.02
C ALA D 38 -16.85 11.41 -12.25
N SER D 39 -15.71 10.83 -12.59
CA SER D 39 -15.67 9.88 -13.63
C SER D 39 -15.90 8.57 -12.88
N ILE D 40 -16.82 7.74 -13.41
CA ILE D 40 -17.25 6.53 -12.73
C ILE D 40 -17.22 5.37 -13.69
N LYS D 41 -16.35 4.41 -13.41
CA LYS D 41 -16.34 3.20 -14.21
C LYS D 41 -16.64 1.91 -13.42
N ILE D 42 -17.50 1.06 -13.99
CA ILE D 42 -17.86 -0.22 -13.38
C ILE D 42 -17.29 -1.33 -14.25
N ASP D 43 -16.47 -2.17 -13.64
CA ASP D 43 -15.82 -3.24 -14.35
C ASP D 43 -16.80 -4.37 -14.56
N GLU D 44 -16.44 -5.26 -15.46
CA GLU D 44 -17.09 -6.57 -15.53
C GLU D 44 -16.65 -7.33 -14.30
N PRO D 45 -17.54 -8.23 -13.76
CA PRO D 45 -17.24 -9.08 -12.63
C PRO D 45 -16.04 -9.96 -12.92
N LEU D 46 -15.13 -10.02 -11.97
CA LEU D 46 -13.97 -10.92 -12.06
C LEU D 46 -14.40 -12.35 -11.90
N GLU D 47 -13.66 -13.24 -12.55
CA GLU D 47 -14.00 -14.66 -12.60
C GLU D 47 -14.20 -15.32 -11.25
N GLY D 48 -15.15 -16.24 -11.19
CA GLY D 48 -15.52 -16.92 -9.94
C GLY D 48 -15.90 -16.00 -8.78
N SER D 49 -16.36 -14.80 -9.10
CA SER D 49 -16.66 -13.87 -8.04
C SER D 49 -18.00 -13.10 -8.12
N GLU D 50 -18.44 -12.67 -6.95
CA GLU D 50 -19.72 -12.07 -6.80
C GLU D 50 -19.60 -10.53 -6.87
N ASP D 51 -18.36 -10.02 -6.86
CA ASP D 51 -18.06 -8.59 -6.76
C ASP D 51 -17.77 -7.95 -8.12
N ARG D 52 -18.21 -6.71 -8.29
CA ARG D 52 -17.81 -5.85 -9.40
C ARG D 52 -17.14 -4.63 -8.77
N ILE D 53 -16.01 -4.21 -9.34
CA ILE D 53 -15.28 -3.06 -8.89
C ILE D 53 -15.78 -1.80 -9.59
N ILE D 54 -16.06 -0.76 -8.77
CA ILE D 54 -16.38 0.56 -9.27
C ILE D 54 -15.21 1.50 -8.99
N THR D 55 -14.76 2.19 -10.04
CA THR D 55 -13.67 3.15 -9.93
C THR D 55 -14.24 4.56 -10.05
N ILE D 56 -14.09 5.36 -8.99
CA ILE D 56 -14.50 6.79 -9.02
C ILE D 56 -13.30 7.75 -8.93
N THR D 57 -13.25 8.66 -9.91
CA THR D 57 -12.12 9.59 -10.09
C THR D 57 -12.69 10.99 -10.07
N GLY D 58 -12.10 11.84 -9.23
CA GLY D 58 -12.43 13.24 -9.19
C GLY D 58 -11.76 13.89 -7.99
N THR D 59 -12.21 15.08 -7.65
CA THR D 59 -11.73 15.65 -6.43
C THR D 59 -12.47 14.92 -5.29
N GLN D 60 -12.04 15.19 -4.06
CA GLN D 60 -12.70 14.67 -2.88
C GLN D 60 -14.19 14.94 -2.84
N ASP D 61 -14.59 16.19 -3.07
CA ASP D 61 -16.01 16.49 -3.20
C ASP D 61 -16.76 15.69 -4.26
N GLN D 62 -16.20 15.60 -5.45
CA GLN D 62 -16.86 14.90 -6.53
C GLN D 62 -17.03 13.47 -6.12
N ILE D 63 -15.98 12.87 -5.60
CA ILE D 63 -16.02 11.49 -5.11
C ILE D 63 -17.05 11.25 -4.01
N GLN D 64 -17.11 12.11 -3.01
CA GLN D 64 -18.16 12.04 -1.99
C GLN D 64 -19.58 12.22 -2.58
N ASN D 65 -19.74 13.20 -3.48
CA ASN D 65 -20.98 13.38 -4.27
C ASN D 65 -21.35 12.06 -4.97
N ALA D 66 -20.48 11.53 -5.82
CA ALA D 66 -20.68 10.23 -6.48
C ALA D 66 -21.02 9.09 -5.52
N GLN D 67 -20.39 9.05 -4.36
CA GLN D 67 -20.67 7.97 -3.37
C GLN D 67 -22.08 8.07 -2.80
N TYR D 68 -22.55 9.30 -2.61
CA TYR D 68 -23.93 9.43 -2.23
C TYR D 68 -24.89 8.95 -3.36
N LEU D 69 -24.65 9.39 -4.58
CA LEU D 69 -25.57 9.13 -5.67
C LEU D 69 -25.66 7.62 -5.96
N LEU D 70 -24.51 6.95 -5.87
CA LEU D 70 -24.41 5.50 -5.92
C LEU D 70 -25.22 4.83 -4.85
N GLN D 71 -25.16 5.35 -3.64
CA GLN D 71 -25.90 4.81 -2.54
C GLN D 71 -27.42 4.98 -2.73
N ASN D 72 -27.83 6.18 -3.12
CA ASN D 72 -29.24 6.50 -3.42
C ASN D 72 -29.78 5.69 -4.56
N SER D 73 -28.93 5.29 -5.51
CA SER D 73 -29.31 4.34 -6.59
C SER D 73 -29.80 3.01 -6.04
N VAL D 74 -29.01 2.41 -5.16
CA VAL D 74 -29.38 1.15 -4.53
C VAL D 74 -30.61 1.41 -3.66
#